data_1E8B
#
_entry.id   1E8B
#
_cell.length_a   1.000
_cell.length_b   1.000
_cell.length_c   1.000
_cell.angle_alpha   90.00
_cell.angle_beta   90.00
_cell.angle_gamma   90.00
#
_symmetry.space_group_name_H-M   'P 1'
#
loop_
_entity.id
_entity.type
_entity.pdbx_description
1 polymer FIBRONECTIN
2 non-polymer 2-acetamido-2-deoxy-beta-D-glucopyranose
#
_entity_poly.entity_id   1
_entity_poly.type   'polypeptide(L)'
_entity_poly.pdbx_seq_one_letter_code
;YGHCVTDSGVVYSVGMQWLKTQGNKQMLCTCLGNGVSCQETAVTQTYGGNSNGEPCVLPFTYNGRTFYSCTTEGRQDGHL
WCSTTSNYEQDQKYSFCTDHTVLVQTRGGNSNGALCHFPFLYNNHNYTDCTSEGRRDNMKWCGTTQNYDADQKFGFCPMA
;
_entity_poly.pdbx_strand_id   A
#
loop_
_chem_comp.id
_chem_comp.type
_chem_comp.name
_chem_comp.formula
NAG D-saccharide, beta linking 2-acetamido-2-deoxy-beta-D-glucopyranose 'C8 H15 N O6'
#
# COMPACT_ATOMS: atom_id res chain seq x y z
N TYR A 1 -0.43 -11.46 23.48
CA TYR A 1 0.70 -11.87 22.60
C TYR A 1 0.40 -11.59 21.14
N GLY A 2 1.17 -10.68 20.54
CA GLY A 2 0.96 -10.33 19.15
C GLY A 2 -0.02 -9.21 18.97
N HIS A 3 -0.16 -8.73 17.74
CA HIS A 3 -1.09 -7.64 17.44
C HIS A 3 -0.81 -6.43 18.33
N CYS A 4 -1.28 -5.27 17.89
CA CYS A 4 -1.09 -4.03 18.65
C CYS A 4 -2.32 -3.14 18.59
N VAL A 5 -2.71 -2.60 19.73
CA VAL A 5 -3.88 -1.73 19.80
C VAL A 5 -3.49 -0.27 19.62
N THR A 6 -4.24 0.45 18.78
CA THR A 6 -3.96 1.85 18.52
C THR A 6 -5.24 2.62 18.23
N ASP A 7 -5.09 3.91 17.92
CA ASP A 7 -6.23 4.77 17.62
C ASP A 7 -7.13 4.93 18.84
N SER A 8 -8.12 4.05 18.96
CA SER A 8 -9.04 4.10 20.08
C SER A 8 -9.61 2.71 20.38
N GLY A 9 -8.80 1.69 20.11
CA GLY A 9 -9.23 0.33 20.35
C GLY A 9 -9.07 -0.55 19.12
N VAL A 10 -8.46 -0.01 18.08
CA VAL A 10 -8.24 -0.75 16.85
C VAL A 10 -6.93 -1.53 16.88
N VAL A 11 -7.03 -2.81 17.21
CA VAL A 11 -5.86 -3.67 17.29
C VAL A 11 -5.58 -4.34 15.95
N TYR A 12 -4.36 -4.19 15.45
CA TYR A 12 -3.96 -4.77 14.19
C TYR A 12 -2.86 -5.80 14.38
N SER A 13 -3.18 -7.07 14.13
CA SER A 13 -2.22 -8.15 14.28
C SER A 13 -0.87 -7.77 13.70
N VAL A 14 0.18 -8.46 14.13
CA VAL A 14 1.52 -8.19 13.66
C VAL A 14 1.58 -8.14 12.14
N GLY A 15 2.74 -7.77 11.61
CA GLY A 15 2.89 -7.69 10.17
C GLY A 15 1.67 -7.10 9.50
N MET A 16 0.95 -6.25 10.24
CA MET A 16 -0.26 -5.62 9.72
C MET A 16 -0.11 -4.10 9.71
N GLN A 17 -0.24 -3.51 8.52
CA GLN A 17 -0.12 -2.06 8.37
C GLN A 17 -1.49 -1.40 8.44
N TRP A 18 -1.50 -0.09 8.66
CA TRP A 18 -2.75 0.67 8.75
C TRP A 18 -2.47 2.16 8.77
N LEU A 19 -3.16 2.90 7.91
CA LEU A 19 -2.99 4.35 7.83
C LEU A 19 -3.52 5.03 9.08
N LYS A 20 -2.85 6.08 9.51
CA LYS A 20 -3.26 6.83 10.70
C LYS A 20 -2.69 8.24 10.68
N THR A 21 -3.48 9.19 11.19
CA THR A 21 -3.05 10.59 11.24
C THR A 21 -2.02 10.81 12.33
N GLN A 22 -0.84 11.26 11.94
CA GLN A 22 0.23 11.52 12.90
C GLN A 22 0.59 13.01 12.93
N GLY A 23 -0.43 13.85 13.04
CA GLY A 23 -0.20 15.29 13.07
C GLY A 23 -0.98 16.02 12.00
N ASN A 24 -0.37 16.16 10.82
CA ASN A 24 -1.02 16.86 9.71
C ASN A 24 -0.78 16.11 8.40
N LYS A 25 -0.63 14.79 8.49
CA LYS A 25 -0.40 13.96 7.31
C LYS A 25 -0.64 12.49 7.63
N GLN A 26 -0.71 11.67 6.58
CA GLN A 26 -0.94 10.24 6.75
C GLN A 26 0.37 9.50 7.01
N MET A 27 0.30 8.45 7.81
CA MET A 27 1.49 7.67 8.14
C MET A 27 1.18 6.17 8.10
N LEU A 28 2.16 5.39 7.66
CA LEU A 28 2.00 3.94 7.57
C LEU A 28 2.46 3.25 8.85
N CYS A 29 1.52 2.95 9.74
CA CYS A 29 1.84 2.31 11.00
C CYS A 29 1.43 0.83 10.97
N THR A 30 2.42 -0.05 11.11
CA THR A 30 2.17 -1.49 11.10
C THR A 30 2.57 -2.12 12.43
N CYS A 31 1.77 -3.08 12.88
CA CYS A 31 2.05 -3.79 14.13
C CYS A 31 2.91 -5.00 13.89
N LEU A 32 3.86 -5.25 14.79
CA LEU A 32 4.75 -6.40 14.67
C LEU A 32 5.05 -7.00 16.04
N GLY A 33 4.15 -6.77 16.99
CA GLY A 33 4.34 -7.30 18.33
C GLY A 33 5.34 -6.49 19.14
N ASN A 34 6.53 -6.27 18.56
CA ASN A 34 7.57 -5.51 19.24
C ASN A 34 7.26 -4.02 19.22
N GLY A 35 6.25 -3.64 18.45
CA GLY A 35 5.86 -2.25 18.35
C GLY A 35 5.40 -1.85 16.97
N VAL A 36 4.61 -0.79 16.88
CA VAL A 36 4.11 -0.32 15.60
C VAL A 36 5.20 0.37 14.80
N SER A 37 5.39 -0.06 13.55
CA SER A 37 6.40 0.52 12.67
C SER A 37 5.79 1.57 11.77
N CYS A 38 5.79 2.82 12.24
CA CYS A 38 5.23 3.92 11.47
C CYS A 38 6.25 4.44 10.46
N GLN A 39 5.77 4.77 9.26
CA GLN A 39 6.63 5.28 8.20
C GLN A 39 5.92 6.35 7.39
N GLU A 40 6.27 7.60 7.64
CA GLU A 40 5.66 8.73 6.93
C GLU A 40 5.39 8.37 5.48
N THR A 41 4.47 9.10 4.86
CA THR A 41 4.11 8.85 3.46
C THR A 41 5.29 9.15 2.54
N ALA A 42 6.37 8.40 2.71
CA ALA A 42 7.57 8.58 1.89
C ALA A 42 7.47 7.78 0.60
N VAL A 43 8.23 8.20 -0.41
CA VAL A 43 8.23 7.53 -1.70
C VAL A 43 8.36 6.02 -1.54
N THR A 44 8.41 5.32 -2.66
CA THR A 44 8.53 3.87 -2.65
C THR A 44 9.99 3.45 -2.81
N GLN A 45 10.28 2.19 -2.52
CA GLN A 45 11.63 1.65 -2.63
C GLN A 45 12.12 1.72 -4.08
N THR A 46 12.33 2.93 -4.58
CA THR A 46 12.79 3.12 -5.95
C THR A 46 14.01 2.26 -6.24
N TYR A 47 14.36 2.15 -7.52
CA TYR A 47 15.51 1.36 -7.94
C TYR A 47 15.76 1.50 -9.43
N GLY A 48 17.02 1.39 -9.84
CA GLY A 48 17.36 1.51 -11.24
C GLY A 48 16.94 2.84 -11.83
N GLY A 49 16.92 2.91 -13.16
CA GLY A 49 16.52 4.15 -13.82
C GLY A 49 17.69 5.08 -14.06
N ASN A 50 17.40 6.27 -14.60
CA ASN A 50 18.43 7.25 -14.88
C ASN A 50 18.63 8.17 -13.67
N SER A 51 18.46 7.61 -12.47
CA SER A 51 18.62 8.37 -11.25
C SER A 51 19.27 7.52 -10.16
N ASN A 52 19.79 6.37 -10.55
CA ASN A 52 20.44 5.46 -9.62
C ASN A 52 19.43 4.88 -8.63
N GLY A 53 18.20 4.71 -9.09
CA GLY A 53 17.15 4.17 -8.25
C GLY A 53 16.90 5.02 -7.01
N GLU A 54 17.40 6.25 -7.04
CA GLU A 54 17.22 7.16 -5.92
C GLU A 54 15.74 7.45 -5.68
N PRO A 55 15.44 8.37 -4.75
CA PRO A 55 14.08 8.75 -4.40
C PRO A 55 13.41 9.58 -5.51
N CYS A 56 12.08 9.60 -5.51
CA CYS A 56 11.34 10.35 -6.50
C CYS A 56 11.15 11.80 -6.07
N VAL A 57 10.37 12.55 -6.84
CA VAL A 57 10.12 13.95 -6.54
C VAL A 57 8.79 14.41 -7.13
N LEU A 58 7.70 13.86 -6.61
CA LEU A 58 6.37 14.22 -7.09
C LEU A 58 5.74 15.30 -6.20
N PRO A 59 4.52 15.75 -6.55
CA PRO A 59 3.77 15.25 -7.70
C PRO A 59 4.53 15.49 -9.02
N PHE A 60 4.39 14.55 -9.94
CA PHE A 60 5.06 14.65 -11.24
C PHE A 60 4.12 14.22 -12.37
N THR A 61 3.80 15.16 -13.25
CA THR A 61 2.91 14.89 -14.37
C THR A 61 3.66 14.21 -15.51
N TYR A 62 2.94 13.44 -16.31
CA TYR A 62 3.53 12.72 -17.43
C TYR A 62 2.46 12.28 -18.44
N ASN A 63 2.68 12.61 -19.70
CA ASN A 63 1.74 12.25 -20.76
C ASN A 63 0.49 13.15 -20.75
N GLY A 64 0.33 13.93 -19.69
CA GLY A 64 -0.83 14.80 -19.59
C GLY A 64 -1.59 14.58 -18.29
N ARG A 65 -1.11 13.65 -17.47
CA ARG A 65 -1.74 13.35 -16.20
C ARG A 65 -0.79 13.67 -15.04
N THR A 66 -1.37 14.02 -13.90
CA THR A 66 -0.57 14.34 -12.72
C THR A 66 -0.48 13.16 -11.76
N PHE A 67 0.68 12.52 -11.72
CA PHE A 67 0.90 11.38 -10.85
C PHE A 67 1.51 11.81 -9.52
N TYR A 68 0.88 11.40 -8.42
CA TYR A 68 1.37 11.74 -7.09
C TYR A 68 2.38 10.72 -6.60
N SER A 69 2.30 9.51 -7.15
CA SER A 69 3.22 8.44 -6.77
C SER A 69 3.75 7.71 -8.00
N CYS A 70 4.29 6.52 -7.79
CA CYS A 70 4.83 5.72 -8.89
C CYS A 70 3.73 5.28 -9.84
N THR A 71 4.10 5.02 -11.08
CA THR A 71 3.14 4.59 -12.09
C THR A 71 3.83 3.82 -13.22
N THR A 72 3.12 2.86 -13.79
CA THR A 72 3.66 2.05 -14.88
C THR A 72 3.47 2.74 -16.22
N GLU A 73 3.04 4.00 -16.19
CA GLU A 73 2.82 4.76 -17.40
C GLU A 73 4.00 4.63 -18.35
N GLY A 74 3.77 4.00 -19.49
CA GLY A 74 4.83 3.82 -20.47
C GLY A 74 5.78 2.71 -20.10
N ARG A 75 5.59 2.14 -18.91
CA ARG A 75 6.44 1.06 -18.43
C ARG A 75 6.10 -0.25 -19.14
N GLN A 76 7.09 -0.82 -19.83
CA GLN A 76 6.90 -2.07 -20.54
C GLN A 76 7.72 -3.19 -19.91
N ASP A 77 8.22 -2.95 -18.72
CA ASP A 77 9.02 -3.94 -18.00
C ASP A 77 8.23 -4.57 -16.87
N GLY A 78 7.08 -3.98 -16.54
CA GLY A 78 6.26 -4.51 -15.48
C GLY A 78 6.23 -3.61 -14.26
N HIS A 79 7.40 -3.35 -13.70
CA HIS A 79 7.52 -2.51 -12.52
C HIS A 79 7.02 -1.09 -12.82
N LEU A 80 7.05 -0.24 -11.80
CA LEU A 80 6.60 1.14 -11.95
C LEU A 80 7.78 2.09 -11.99
N TRP A 81 7.49 3.39 -11.98
CA TRP A 81 8.54 4.41 -12.02
C TRP A 81 8.02 5.75 -11.49
N CYS A 82 8.92 6.57 -10.96
CA CYS A 82 8.55 7.87 -10.43
C CYS A 82 9.59 8.92 -10.79
N SER A 83 9.13 10.13 -11.07
CA SER A 83 10.02 11.23 -11.42
C SER A 83 10.97 11.54 -10.28
N THR A 84 12.27 11.64 -10.61
CA THR A 84 13.28 11.93 -9.61
C THR A 84 13.60 13.42 -9.57
N THR A 85 12.61 14.24 -9.89
CA THR A 85 12.78 15.69 -9.89
C THR A 85 11.45 16.40 -10.12
N SER A 86 11.17 17.40 -9.28
CA SER A 86 9.94 18.16 -9.40
C SER A 86 9.54 18.34 -10.85
N ASN A 87 10.48 18.85 -11.66
CA ASN A 87 10.23 19.07 -13.07
C ASN A 87 10.70 17.89 -13.90
N TYR A 88 9.92 16.81 -13.87
CA TYR A 88 10.24 15.60 -14.61
C TYR A 88 10.69 15.94 -16.03
N GLU A 89 9.74 16.30 -16.87
CA GLU A 89 10.03 16.64 -18.27
C GLU A 89 11.26 17.54 -18.37
N GLN A 90 11.55 18.27 -17.30
CA GLN A 90 12.68 19.17 -17.27
C GLN A 90 14.00 18.41 -17.27
N ASP A 91 14.22 17.62 -16.22
CA ASP A 91 15.45 16.84 -16.09
C ASP A 91 15.25 15.41 -16.60
N GLN A 92 14.06 15.13 -17.12
CA GLN A 92 13.75 13.80 -17.63
C GLN A 92 14.30 12.72 -16.72
N LYS A 93 14.23 12.96 -15.41
CA LYS A 93 14.73 12.01 -14.42
C LYS A 93 13.59 11.15 -13.88
N TYR A 94 13.93 9.93 -13.46
CA TYR A 94 12.92 9.01 -12.92
C TYR A 94 13.60 7.86 -12.18
N SER A 95 12.78 6.94 -11.68
CA SER A 95 13.28 5.78 -10.95
C SER A 95 12.20 4.71 -10.81
N PHE A 96 12.57 3.45 -11.03
CA PHE A 96 11.63 2.35 -10.93
C PHE A 96 11.31 2.03 -9.47
N CYS A 97 10.08 1.60 -9.21
CA CYS A 97 9.66 1.27 -7.86
C CYS A 97 9.12 -0.16 -7.80
N THR A 98 8.75 -0.59 -6.61
CA THR A 98 8.22 -1.94 -6.41
C THR A 98 6.72 -1.90 -6.16
N ASP A 99 5.97 -2.59 -7.02
CA ASP A 99 4.51 -2.64 -6.91
C ASP A 99 3.96 -1.34 -6.35
N HIS A 100 4.55 -0.23 -6.80
CA HIS A 100 4.14 1.10 -6.35
C HIS A 100 3.67 1.07 -4.91
N THR A 101 4.42 0.37 -4.06
CA THR A 101 4.09 0.26 -2.64
C THR A 101 2.59 0.37 -2.40
N VAL A 102 1.82 -0.38 -3.17
CA VAL A 102 0.37 -0.36 -3.04
C VAL A 102 -0.06 -0.29 -1.58
N LEU A 103 -1.20 0.34 -1.32
CA LEU A 103 -1.72 0.48 0.04
C LEU A 103 -3.23 0.59 0.03
N VAL A 104 -3.90 -0.46 0.50
CA VAL A 104 -5.36 -0.49 0.55
C VAL A 104 -5.85 -0.21 1.96
N GLN A 105 -6.84 0.69 2.08
CA GLN A 105 -7.40 1.05 3.38
C GLN A 105 -8.74 0.34 3.58
N THR A 106 -8.68 -0.93 4.00
CA THR A 106 -9.89 -1.71 4.24
C THR A 106 -10.45 -1.46 5.64
N ARG A 107 -11.65 -1.96 5.88
CA ARG A 107 -12.29 -1.80 7.18
C ARG A 107 -13.48 -2.76 7.31
N GLY A 108 -13.51 -3.50 8.41
CA GLY A 108 -14.59 -4.44 8.64
C GLY A 108 -14.11 -5.88 8.66
N GLY A 109 -15.02 -6.80 9.01
CA GLY A 109 -14.66 -8.20 9.06
C GLY A 109 -13.98 -8.59 10.36
N ASN A 110 -12.65 -8.59 10.34
CA ASN A 110 -11.88 -8.94 11.53
C ASN A 110 -10.56 -8.17 11.58
N SER A 111 -10.47 -7.12 10.77
CA SER A 111 -9.26 -6.30 10.72
C SER A 111 -9.53 -4.90 11.26
N ASN A 112 -10.81 -4.57 11.42
CA ASN A 112 -11.20 -3.25 11.92
C ASN A 112 -10.37 -2.15 11.26
N GLY A 113 -10.88 -1.65 10.13
CA GLY A 113 -10.18 -0.60 9.42
C GLY A 113 -8.69 -0.84 9.36
N ALA A 114 -8.27 -1.81 8.55
CA ALA A 114 -6.85 -2.13 8.40
C ALA A 114 -6.37 -1.91 6.98
N LEU A 115 -5.15 -1.42 6.85
CA LEU A 115 -4.57 -1.15 5.54
C LEU A 115 -4.37 -2.46 4.78
N CYS A 116 -5.43 -2.91 4.11
CA CYS A 116 -5.38 -4.15 3.34
C CYS A 116 -4.07 -4.25 2.56
N HIS A 117 -3.42 -5.40 2.65
CA HIS A 117 -2.17 -5.63 1.96
C HIS A 117 -2.39 -6.40 0.66
N PHE A 118 -1.75 -5.95 -0.40
CA PHE A 118 -1.88 -6.59 -1.70
C PHE A 118 -0.51 -6.89 -2.31
N PRO A 119 -0.33 -8.10 -2.87
CA PRO A 119 -1.37 -9.12 -2.92
C PRO A 119 -1.60 -9.76 -1.55
N PHE A 120 -2.57 -10.68 -1.50
CA PHE A 120 -2.88 -11.38 -0.26
C PHE A 120 -3.29 -12.82 -0.55
N LEU A 121 -2.62 -13.77 0.10
CA LEU A 121 -2.90 -15.18 -0.10
C LEU A 121 -4.18 -15.61 0.62
N TYR A 122 -5.02 -16.33 -0.11
CA TYR A 122 -6.28 -16.81 0.44
C TYR A 122 -6.41 -18.31 0.20
N ASN A 123 -6.42 -19.09 1.27
CA ASN A 123 -6.52 -20.54 1.14
C ASN A 123 -5.41 -21.05 0.22
N ASN A 124 -4.18 -20.73 0.57
CA ASN A 124 -3.02 -21.14 -0.23
C ASN A 124 -3.24 -20.80 -1.70
N HIS A 125 -4.10 -19.83 -1.95
CA HIS A 125 -4.40 -19.38 -3.30
C HIS A 125 -4.14 -17.89 -3.44
N ASN A 126 -2.88 -17.54 -3.70
CA ASN A 126 -2.49 -16.13 -3.84
C ASN A 126 -3.60 -15.31 -4.49
N TYR A 127 -3.76 -14.07 -4.02
CA TYR A 127 -4.79 -13.18 -4.56
C TYR A 127 -4.24 -11.76 -4.67
N THR A 128 -4.86 -10.96 -5.54
CA THR A 128 -4.44 -9.57 -5.74
C THR A 128 -5.62 -8.69 -6.13
N ASP A 129 -6.61 -8.64 -5.25
CA ASP A 129 -7.80 -7.82 -5.49
C ASP A 129 -8.90 -8.18 -4.50
N CYS A 130 -9.60 -7.16 -4.01
CA CYS A 130 -10.68 -7.35 -3.06
C CYS A 130 -11.64 -8.44 -3.54
N THR A 131 -11.31 -9.68 -3.22
CA THR A 131 -12.15 -10.81 -3.62
C THR A 131 -13.41 -10.90 -2.76
N SER A 132 -14.47 -11.46 -3.33
CA SER A 132 -15.73 -11.60 -2.63
C SER A 132 -16.00 -13.06 -2.28
N GLU A 133 -15.05 -13.69 -1.61
CA GLU A 133 -15.18 -15.09 -1.22
C GLU A 133 -15.91 -15.22 0.13
N GLY A 134 -17.11 -15.80 0.08
CA GLY A 134 -17.89 -15.97 1.30
C GLY A 134 -18.91 -14.87 1.48
N ARG A 135 -18.85 -13.85 0.63
CA ARG A 135 -19.79 -12.74 0.70
C ARG A 135 -20.72 -12.73 -0.51
N ARG A 136 -21.99 -12.40 -0.27
CA ARG A 136 -22.98 -12.35 -1.34
C ARG A 136 -23.58 -10.95 -1.47
N ASP A 137 -22.94 -9.98 -0.81
CA ASP A 137 -23.41 -8.60 -0.86
C ASP A 137 -22.31 -7.67 -1.36
N ASN A 138 -22.65 -6.84 -2.34
CA ASN A 138 -21.70 -5.89 -2.91
C ASN A 138 -20.84 -5.27 -1.83
N MET A 139 -19.70 -5.90 -1.55
CA MET A 139 -18.78 -5.40 -0.53
C MET A 139 -17.41 -6.05 -0.66
N LYS A 140 -16.84 -5.96 -1.86
CA LYS A 140 -15.53 -6.54 -2.12
C LYS A 140 -14.62 -6.41 -0.91
N TRP A 141 -13.81 -7.44 -0.66
CA TRP A 141 -12.89 -7.43 0.47
C TRP A 141 -11.57 -8.12 0.10
N CYS A 142 -10.55 -7.90 0.92
CA CYS A 142 -9.25 -8.50 0.68
C CYS A 142 -8.57 -8.88 1.99
N GLY A 143 -7.36 -9.43 1.89
CA GLY A 143 -6.63 -9.82 3.08
C GLY A 143 -5.78 -8.70 3.64
N THR A 144 -5.79 -8.57 4.97
CA THR A 144 -5.02 -7.53 5.63
C THR A 144 -3.54 -7.87 5.65
N THR A 145 -3.18 -9.02 5.07
CA THR A 145 -1.79 -9.45 5.03
C THR A 145 -1.52 -10.30 3.79
N GLN A 146 -0.26 -10.64 3.57
CA GLN A 146 0.13 -11.45 2.43
C GLN A 146 -0.51 -12.84 2.48
N ASN A 147 -1.09 -13.16 3.63
CA ASN A 147 -1.75 -14.45 3.82
C ASN A 147 -2.95 -14.32 4.75
N TYR A 148 -4.05 -13.81 4.21
CA TYR A 148 -5.27 -13.63 4.99
C TYR A 148 -5.65 -14.91 5.72
N ASP A 149 -5.90 -15.97 4.97
CA ASP A 149 -6.27 -17.25 5.55
C ASP A 149 -5.22 -17.74 6.54
N ALA A 150 -4.03 -17.13 6.47
CA ALA A 150 -2.92 -17.50 7.35
C ALA A 150 -3.01 -16.74 8.67
N ASP A 151 -3.68 -15.59 8.64
CA ASP A 151 -3.83 -14.77 9.83
C ASP A 151 -5.30 -14.69 10.25
N GLN A 152 -6.18 -15.06 9.34
CA GLN A 152 -7.62 -15.04 9.62
C GLN A 152 -8.09 -13.61 9.90
N LYS A 153 -7.71 -12.69 9.04
CA LYS A 153 -8.10 -11.29 9.19
C LYS A 153 -8.39 -10.66 7.83
N PHE A 154 -9.64 -10.29 7.60
CA PHE A 154 -10.06 -9.67 6.35
C PHE A 154 -10.64 -8.28 6.60
N GLY A 155 -10.84 -7.54 5.52
CA GLY A 155 -11.40 -6.20 5.64
C GLY A 155 -12.08 -5.74 4.36
N PHE A 156 -13.12 -4.92 4.51
CA PHE A 156 -13.86 -4.41 3.37
C PHE A 156 -13.07 -3.33 2.65
N CYS A 157 -13.16 -3.30 1.33
CA CYS A 157 -12.45 -2.31 0.52
C CYS A 157 -13.30 -1.07 0.32
N PRO A 158 -12.67 0.02 -0.16
CA PRO A 158 -13.35 1.30 -0.41
C PRO A 158 -14.58 1.13 -1.29
N MET A 159 -15.23 2.25 -1.62
CA MET A 159 -16.41 2.22 -2.46
C MET A 159 -16.05 1.91 -3.91
N ALA A 160 -14.83 2.24 -4.29
CA ALA A 160 -14.35 2.00 -5.65
C ALA A 160 -13.01 1.25 -5.64
C1 NAG B . 2.03 -17.22 -3.13
C2 NAG B . 2.43 -18.68 -2.98
C3 NAG B . 3.73 -18.76 -2.21
C4 NAG B . 4.85 -18.01 -2.98
C5 NAG B . 4.38 -16.51 -3.11
C6 NAG B . 5.38 -15.66 -3.91
C7 NAG B . 0.92 -20.58 -2.78
C8 NAG B . -0.16 -21.25 -1.93
N2 NAG B . 1.39 -19.44 -2.29
O3 NAG B . 4.11 -20.13 -2.07
O4 NAG B . 6.05 -18.13 -2.21
O5 NAG B . 3.09 -16.49 -3.79
O6 NAG B . 5.01 -15.67 -5.29
O7 NAG B . 1.31 -21.07 -3.84
H1 NAG B . 1.86 -16.78 -2.13
H2 NAG B . 2.57 -19.10 -3.99
H3 NAG B . 3.61 -18.31 -1.22
H4 NAG B . 4.98 -18.45 -3.98
H5 NAG B . 4.26 -16.08 -2.11
H61 NAG B . 5.37 -14.63 -3.54
H62 NAG B . 6.39 -16.08 -3.80
H81 NAG B . -0.90 -20.53 -1.64
H82 NAG B . 0.28 -21.69 -1.05
H83 NAG B . -0.64 -22.04 -2.52
HN2 NAG B . 1.03 -19.10 -1.44
HO3 NAG B . 3.38 -20.62 -1.69
HO4 NAG B . 6.68 -18.68 -2.70
HO6 NAG B . 5.24 -14.84 -5.69
#